data_2D0Q
#
_entry.id   2D0Q
#
_cell.length_a   114.352
_cell.length_b   60.201
_cell.length_c   81.585
_cell.angle_alpha   90.00
_cell.angle_beta   125.10
_cell.angle_gamma   90.00
#
_symmetry.space_group_name_H-M   'C 1 2 1'
#
loop_
_entity.id
_entity.type
_entity.pdbx_description
1 polymer 'Nitrile hydratase subunit alpha'
2 polymer 'Nitrile hydratase subunit beta'
3 non-polymer 'FE (III) ION'
4 non-polymer 'MAGNESIUM ION'
5 non-polymer 'CYCLOHEXYL ISOCYANIDE'
6 water water
#
loop_
_entity_poly.entity_id
_entity_poly.type
_entity_poly.pdbx_seq_one_letter_code
_entity_poly.pdbx_strand_id
1 'polypeptide(L)'
;SVTIDHTTENAAPAQAPVSDRAWALFRALDGKGLVPDGYVEGWKKTFEEDFSPRRGAELVARAWTDPEFRQLLLTDGTAA
VAQYGYLGPQGEYIVAVEDTPTLKNVIVCSL(CSD)SCTAWPILGLPPTWYKSFEYRARVVREPRKVLSEMGTEIASDIE
IRVYDTTAETRYMVLPQRPAGTEGWSQEQLQEIVTKDCLIGVAIPQVPTV
;
A
2 'polypeptide(L)'
;MDGVHDLAGVQGFGKVPHTVNADIGPTFHAEWEHLPYSLMFAGVAELGAFSVDEVRYVVERMEPRHYMMTPYYERYVIGV
ATLMVEKGILTQDELESLAGGPFPLSRPSESEGRPAPVETTTFEVGQRVRVRDEYVPGHIRMPAYCRGRVGTISHRTTEK
WPFPDAIGHGRNDAGEEPTYHVKFAAEELFGSDTDGGSVVVDLFEGYLEPAA
;
B
#
# COMPACT_ATOMS: atom_id res chain seq x y z
N ALA A 14 2.09 -28.49 6.59
CA ALA A 14 3.16 -28.57 7.63
C ALA A 14 4.33 -27.65 7.28
N GLN A 15 4.81 -26.88 8.27
CA GLN A 15 5.86 -25.89 8.02
C GLN A 15 6.85 -25.82 9.19
N ALA A 16 8.13 -25.65 8.85
CA ALA A 16 9.14 -25.35 9.85
C ALA A 16 8.78 -24.01 10.52
N PRO A 17 9.25 -23.78 11.76
CA PRO A 17 8.97 -22.47 12.37
C PRO A 17 9.32 -21.30 11.45
N VAL A 18 8.50 -20.25 11.46
CA VAL A 18 8.74 -19.13 10.54
C VAL A 18 10.12 -18.48 10.71
N SER A 19 10.60 -18.36 11.95
CA SER A 19 11.93 -17.81 12.18
C SER A 19 13.00 -18.65 11.48
N ASP A 20 12.84 -19.97 11.55
CA ASP A 20 13.80 -20.88 10.89
C ASP A 20 13.76 -20.71 9.38
N ARG A 21 12.55 -20.55 8.82
CA ARG A 21 12.38 -20.30 7.39
C ARG A 21 12.96 -18.96 6.95
N ALA A 22 12.68 -17.91 7.71
CA ALA A 22 13.19 -16.58 7.39
C ALA A 22 14.73 -16.55 7.42
N TRP A 23 15.33 -17.10 8.48
CA TRP A 23 16.80 -17.15 8.56
C TRP A 23 17.42 -18.11 7.53
N ALA A 24 16.71 -19.16 7.16
CA ALA A 24 17.16 -20.05 6.07
C ALA A 24 17.28 -19.30 4.75
N LEU A 25 16.26 -18.50 4.45
CA LEU A 25 16.28 -17.65 3.26
C LEU A 25 17.50 -16.73 3.31
N PHE A 26 17.70 -16.06 4.44
CA PHE A 26 18.85 -15.17 4.59
C PHE A 26 20.16 -15.94 4.36
N ARG A 27 20.31 -17.06 5.09
CA ARG A 27 21.56 -17.83 5.04
C ARG A 27 21.82 -18.43 3.65
N ALA A 28 20.76 -18.84 2.96
CA ALA A 28 20.93 -19.41 1.62
C ALA A 28 21.50 -18.37 0.65
N LEU A 29 20.98 -17.15 0.75
CA LEU A 29 21.44 -16.05 -0.11
C LEU A 29 22.80 -15.51 0.33
N ASP A 30 22.96 -15.30 1.63
CA ASP A 30 24.20 -14.76 2.18
C ASP A 30 25.36 -15.71 1.91
N GLY A 31 25.11 -17.01 1.99
CA GLY A 31 26.14 -18.03 1.79
C GLY A 31 26.65 -18.12 0.36
N LYS A 32 25.90 -17.52 -0.56
CA LYS A 32 26.28 -17.46 -1.98
C LYS A 32 26.85 -16.11 -2.40
N GLY A 33 27.05 -15.22 -1.42
CA GLY A 33 27.67 -13.92 -1.66
C GLY A 33 26.72 -12.90 -2.24
N LEU A 34 25.41 -13.17 -2.13
CA LEU A 34 24.39 -12.35 -2.78
C LEU A 34 23.87 -11.20 -1.92
N VAL A 35 24.27 -11.18 -0.65
CA VAL A 35 23.81 -10.12 0.27
C VAL A 35 25.03 -9.35 0.76
N PRO A 36 25.16 -8.06 0.37
CA PRO A 36 26.31 -7.26 0.81
C PRO A 36 26.44 -7.23 2.33
N ASP A 37 27.65 -7.06 2.84
CA ASP A 37 27.83 -7.00 4.29
C ASP A 37 27.07 -5.81 4.86
N GLY A 38 26.37 -6.04 5.97
CA GLY A 38 25.60 -5.01 6.65
C GLY A 38 24.30 -4.62 5.97
N TYR A 39 23.92 -5.38 4.94
CA TYR A 39 22.80 -5.00 4.08
C TYR A 39 21.45 -5.04 4.80
N VAL A 40 21.11 -6.20 5.36
CA VAL A 40 19.82 -6.32 6.06
C VAL A 40 19.79 -5.49 7.35
N GLU A 41 20.97 -5.35 7.96
CA GLU A 41 21.12 -4.53 9.15
C GLU A 41 20.85 -3.05 8.82
N GLY A 42 21.35 -2.61 7.66
CA GLY A 42 21.13 -1.25 7.17
C GLY A 42 19.66 -0.98 6.92
N TRP A 43 18.99 -1.92 6.26
CA TRP A 43 17.55 -1.79 6.02
C TRP A 43 16.76 -1.77 7.33
N LYS A 44 17.11 -2.64 8.28
CA LYS A 44 16.43 -2.66 9.57
C LYS A 44 16.50 -1.28 10.20
N LYS A 45 17.67 -0.65 10.15
CA LYS A 45 17.86 0.68 10.73
C LYS A 45 16.99 1.74 10.06
N THR A 46 16.96 1.71 8.73
CA THR A 46 16.11 2.58 7.93
C THR A 46 14.64 2.41 8.32
N PHE A 47 14.19 1.16 8.38
CA PHE A 47 12.79 0.85 8.71
C PHE A 47 12.41 1.28 10.12
N GLU A 48 13.34 1.13 11.06
CA GLU A 48 13.06 1.40 12.49
C GLU A 48 13.26 2.85 12.88
N GLU A 49 14.26 3.50 12.28
CA GLU A 49 14.68 4.82 12.76
C GLU A 49 14.38 5.99 11.84
N ASP A 50 14.45 5.76 10.53
CA ASP A 50 14.33 6.83 9.55
C ASP A 50 12.89 6.99 9.06
N PHE A 51 12.30 5.90 8.55
CA PHE A 51 10.91 5.91 8.15
C PHE A 51 10.05 6.13 9.40
N SER A 52 9.32 7.24 9.44
CA SER A 52 8.64 7.62 10.68
C SER A 52 7.46 8.53 10.42
N PRO A 53 6.35 8.32 11.14
CA PRO A 53 5.22 9.26 11.05
C PRO A 53 5.54 10.65 11.61
N ARG A 54 6.64 10.78 12.35
CA ARG A 54 7.09 12.09 12.83
C ARG A 54 7.40 13.01 11.65
N ARG A 55 7.85 12.41 10.54
CA ARG A 55 8.10 13.15 9.30
C ARG A 55 6.80 13.71 8.71
N GLY A 56 5.80 12.85 8.53
CA GLY A 56 4.47 13.29 8.09
C GLY A 56 3.91 14.38 8.98
N ALA A 57 4.08 14.23 10.30
CA ALA A 57 3.60 15.21 11.28
C ALA A 57 4.24 16.57 11.06
N GLU A 58 5.54 16.57 10.77
CA GLU A 58 6.27 17.79 10.45
C GLU A 58 5.72 18.48 9.21
N LEU A 59 5.41 17.69 8.18
CA LEU A 59 4.83 18.23 6.95
C LEU A 59 3.46 18.85 7.21
N VAL A 60 2.64 18.18 8.01
CA VAL A 60 1.31 18.69 8.32
C VAL A 60 1.41 20.00 9.10
N ALA A 61 2.27 20.03 10.11
CA ALA A 61 2.42 21.23 10.95
C ALA A 61 2.92 22.43 10.16
N ARG A 62 3.80 22.17 9.19
CA ARG A 62 4.27 23.20 8.26
C ARG A 62 3.12 23.68 7.38
N ALA A 63 2.35 22.76 6.79
CA ALA A 63 1.19 23.12 5.97
C ALA A 63 0.18 23.96 6.76
N TRP A 64 -0.04 23.60 8.03
CA TRP A 64 -0.98 24.29 8.90
C TRP A 64 -0.57 25.73 9.20
N THR A 65 0.74 25.99 9.23
CA THR A 65 1.23 27.31 9.61
C THR A 65 1.73 28.16 8.44
N ASP A 66 1.89 27.53 7.28
CA ASP A 66 2.50 28.17 6.11
C ASP A 66 1.61 27.95 4.87
N PRO A 67 0.72 28.92 4.56
CA PRO A 67 -0.18 28.77 3.41
C PRO A 67 0.51 28.44 2.08
N GLU A 68 1.70 28.98 1.87
CA GLU A 68 2.48 28.73 0.65
C GLU A 68 2.91 27.26 0.57
N PHE A 69 3.37 26.72 1.69
CA PHE A 69 3.75 25.31 1.72
C PHE A 69 2.51 24.39 1.60
N ARG A 70 1.42 24.79 2.23
CA ARG A 70 0.18 24.02 2.13
C ARG A 70 -0.22 23.85 0.65
N GLN A 71 -0.16 24.95 -0.09
CA GLN A 71 -0.50 24.95 -1.51
C GLN A 71 0.45 24.05 -2.30
N LEU A 72 1.75 24.12 -2.00
CA LEU A 72 2.72 23.25 -2.65
C LEU A 72 2.44 21.77 -2.36
N LEU A 73 2.25 21.46 -1.07
CA LEU A 73 1.98 20.10 -0.64
C LEU A 73 0.78 19.49 -1.36
N LEU A 74 -0.27 20.31 -1.55
CA LEU A 74 -1.52 19.83 -2.16
C LEU A 74 -1.49 19.79 -3.69
N THR A 75 -0.54 20.49 -4.31
CA THR A 75 -0.45 20.54 -5.77
C THR A 75 0.70 19.70 -6.35
N ASP A 76 1.79 19.62 -5.59
CA ASP A 76 2.93 18.80 -5.96
C ASP A 76 3.50 18.21 -4.67
N GLY A 77 2.82 17.18 -4.16
CA GLY A 77 3.23 16.51 -2.93
C GLY A 77 4.68 16.08 -2.96
N THR A 78 5.09 15.49 -4.09
CA THR A 78 6.46 15.01 -4.26
C THR A 78 7.48 16.13 -4.03
N ALA A 79 7.26 17.28 -4.65
CA ALA A 79 8.18 18.43 -4.48
C ALA A 79 8.22 18.91 -3.03
N ALA A 80 7.05 18.98 -2.40
CA ALA A 80 6.96 19.43 -1.01
C ALA A 80 7.72 18.49 -0.08
N VAL A 81 7.50 17.19 -0.24
CA VAL A 81 8.18 16.20 0.58
C VAL A 81 9.69 16.21 0.31
N ALA A 82 10.07 16.42 -0.95
CA ALA A 82 11.49 16.47 -1.33
C ALA A 82 12.21 17.62 -0.65
N GLN A 83 11.50 18.73 -0.41
CA GLN A 83 12.10 19.88 0.27
C GLN A 83 12.61 19.54 1.66
N TYR A 84 11.93 18.60 2.32
CA TYR A 84 12.34 18.11 3.63
C TYR A 84 13.30 16.93 3.55
N GLY A 85 13.48 16.39 2.34
CA GLY A 85 14.38 15.27 2.13
C GLY A 85 13.76 13.93 2.49
N TYR A 86 12.43 13.87 2.48
CA TYR A 86 11.72 12.68 2.95
C TYR A 86 11.17 11.75 1.85
N LEU A 87 11.56 11.97 0.59
CA LEU A 87 11.27 10.95 -0.43
C LEU A 87 12.06 9.70 -0.10
N GLY A 88 11.54 8.54 -0.50
CA GLY A 88 12.28 7.30 -0.27
C GLY A 88 11.53 6.12 -0.83
N PRO A 89 12.02 4.91 -0.52
CA PRO A 89 11.38 3.67 -0.97
C PRO A 89 9.91 3.69 -0.56
N GLN A 90 9.03 3.32 -1.49
CA GLN A 90 7.58 3.34 -1.27
C GLN A 90 7.06 4.74 -0.89
N GLY A 91 7.75 5.76 -1.40
CA GLY A 91 7.37 7.16 -1.16
C GLY A 91 8.08 8.08 -2.12
N GLU A 92 8.02 7.73 -3.40
CA GLU A 92 8.69 8.49 -4.45
C GLU A 92 7.76 9.44 -5.22
N TYR A 93 6.48 9.10 -5.25
CA TYR A 93 5.44 9.93 -5.85
C TYR A 93 4.37 10.13 -4.79
N ILE A 94 4.29 11.33 -4.23
CA ILE A 94 3.42 11.62 -3.09
C ILE A 94 2.24 12.51 -3.47
N VAL A 95 1.05 12.12 -2.99
CA VAL A 95 -0.13 12.98 -3.08
C VAL A 95 -0.70 13.13 -1.68
N ALA A 96 -0.83 14.38 -1.24
CA ALA A 96 -1.49 14.68 0.01
C ALA A 96 -2.95 14.99 -0.27
N VAL A 97 -3.83 14.42 0.56
CA VAL A 97 -5.26 14.62 0.39
C VAL A 97 -5.84 15.41 1.55
N GLU A 98 -6.59 16.47 1.22
CA GLU A 98 -6.99 17.50 2.16
C GLU A 98 -8.37 17.23 2.74
N ASP A 99 -8.44 17.06 4.06
CA ASP A 99 -9.71 17.03 4.78
C ASP A 99 -10.29 18.44 4.80
N THR A 100 -11.61 18.53 4.79
CA THR A 100 -12.32 19.81 4.85
C THR A 100 -13.49 19.65 5.82
N PRO A 101 -14.21 20.75 6.14
CA PRO A 101 -15.36 20.58 7.03
C PRO A 101 -16.42 19.59 6.53
N THR A 102 -16.41 19.29 5.22
CA THR A 102 -17.38 18.36 4.63
C THR A 102 -16.75 17.11 4.02
N LEU A 103 -15.45 16.90 4.24
CA LEU A 103 -14.76 15.76 3.63
C LEU A 103 -13.73 15.14 4.56
N LYS A 104 -13.83 13.82 4.76
CA LYS A 104 -12.82 13.07 5.50
C LYS A 104 -12.19 12.00 4.61
N ASN A 105 -10.87 12.07 4.48
CA ASN A 105 -10.09 11.12 3.67
C ASN A 105 -9.48 10.02 4.53
N VAL A 106 -9.43 8.82 3.95
CA VAL A 106 -8.86 7.64 4.62
C VAL A 106 -8.11 6.83 3.57
N ILE A 107 -6.96 6.28 3.97
CA ILE A 107 -6.11 5.51 3.06
C ILE A 107 -6.11 4.02 3.40
N VAL A 108 -6.07 3.19 2.37
CA VAL A 108 -5.90 1.73 2.54
C VAL A 108 -5.09 1.19 1.35
N CYS A 109 -4.56 -0.02 1.51
CA CYS A 109 -4.16 -0.84 0.36
C CYS A 109 -4.95 -2.13 0.43
N SER A 110 -6.05 -2.20 -0.29
CA SER A 110 -6.93 -3.36 -0.14
C SER A 110 -6.27 -4.64 -0.66
N LEU A 111 -5.35 -4.48 -1.60
CA LEU A 111 -4.71 -5.60 -2.26
C LEU A 111 -3.47 -6.15 -1.53
N SER A 113 -0.65 -3.80 1.19
CA SER A 113 -0.27 -2.98 2.37
C SER A 113 0.30 -1.62 1.99
N CYS A 114 0.27 -1.34 0.69
CA CYS A 114 0.94 -0.16 0.14
C CYS A 114 0.65 1.10 0.98
N THR A 115 1.74 1.77 1.32
CA THR A 115 1.81 2.83 2.32
C THR A 115 2.99 3.72 2.00
N ALA A 116 2.85 5.02 2.27
CA ALA A 116 3.96 5.97 2.10
C ALA A 116 4.98 5.80 3.23
N TRP A 117 5.79 4.75 3.13
CA TRP A 117 6.73 4.38 4.20
C TRP A 117 7.55 5.53 4.80
N PRO A 118 8.23 6.34 3.95
CA PRO A 118 9.18 7.29 4.55
C PRO A 118 8.54 8.32 5.46
N ILE A 119 7.29 8.68 5.20
CA ILE A 119 6.60 9.78 5.93
C ILE A 119 5.51 9.31 6.89
N LEU A 120 5.05 8.07 6.72
CA LEU A 120 4.09 7.47 7.65
C LEU A 120 4.69 6.36 8.53
N GLY A 121 5.87 5.88 8.17
CA GLY A 121 6.40 4.65 8.77
C GLY A 121 5.81 3.42 8.10
N LEU A 122 6.44 2.27 8.35
CA LEU A 122 5.91 1.01 7.84
C LEU A 122 4.48 0.81 8.36
N PRO A 123 3.60 0.16 7.56
CA PRO A 123 2.21 0.01 8.03
C PRO A 123 2.13 -0.82 9.31
N PRO A 124 1.18 -0.48 10.18
CA PRO A 124 0.90 -1.26 11.39
C PRO A 124 0.12 -2.52 11.05
N THR A 125 0.23 -3.53 11.92
CA THR A 125 -0.49 -4.78 11.74
C THR A 125 -1.97 -4.57 11.36
N TRP A 126 -2.65 -3.66 12.05
CA TRP A 126 -4.08 -3.48 11.79
C TRP A 126 -4.38 -3.00 10.37
N TYR A 127 -3.49 -2.20 9.79
CA TYR A 127 -3.71 -1.63 8.46
C TYR A 127 -3.57 -2.71 7.41
N LYS A 128 -2.70 -3.67 7.69
CA LYS A 128 -2.49 -4.81 6.79
C LYS A 128 -3.45 -5.97 7.09
N SER A 129 -4.32 -5.82 8.08
CA SER A 129 -5.26 -6.89 8.42
C SER A 129 -6.30 -7.12 7.34
N PHE A 130 -6.75 -8.35 7.21
CA PHE A 130 -7.83 -8.63 6.26
C PHE A 130 -9.08 -7.82 6.61
N GLU A 131 -9.31 -7.60 7.90
CA GLU A 131 -10.47 -6.82 8.36
C GLU A 131 -10.46 -5.41 7.77
N TYR A 132 -9.32 -4.73 7.88
CA TYR A 132 -9.24 -3.36 7.37
C TYR A 132 -9.30 -3.34 5.84
N ARG A 133 -8.55 -4.23 5.21
CA ARG A 133 -8.49 -4.32 3.75
C ARG A 133 -9.85 -4.64 3.11
N ALA A 134 -10.65 -5.48 3.75
CA ALA A 134 -11.97 -5.84 3.24
C ALA A 134 -13.02 -4.75 3.51
N ARG A 135 -12.98 -4.20 4.72
CA ARG A 135 -14.10 -3.43 5.23
C ARG A 135 -14.02 -1.94 4.96
N VAL A 136 -12.85 -1.33 5.04
CA VAL A 136 -12.82 0.14 4.99
C VAL A 136 -13.31 0.72 3.64
N VAL A 137 -13.13 -0.04 2.56
CA VAL A 137 -13.56 0.42 1.23
C VAL A 137 -15.09 0.50 1.13
N ARG A 138 -15.77 -0.42 1.83
CA ARG A 138 -17.22 -0.56 1.70
C ARG A 138 -18.00 0.05 2.87
N GLU A 139 -17.43 0.01 4.08
CA GLU A 139 -18.11 0.61 5.24
C GLU A 139 -17.13 1.43 6.10
N PRO A 140 -16.53 2.49 5.49
CA PRO A 140 -15.56 3.28 6.24
C PRO A 140 -16.15 3.98 7.47
N ARG A 141 -17.41 4.40 7.41
CA ARG A 141 -17.99 5.09 8.56
C ARG A 141 -18.08 4.17 9.78
N LYS A 142 -18.53 2.94 9.55
CA LYS A 142 -18.61 1.95 10.63
C LYS A 142 -17.22 1.56 11.13
N VAL A 143 -16.28 1.33 10.21
CA VAL A 143 -14.92 0.99 10.59
C VAL A 143 -14.32 2.09 11.47
N LEU A 144 -14.37 3.34 11.01
CA LEU A 144 -13.81 4.43 11.81
C LEU A 144 -14.50 4.54 13.17
N SER A 145 -15.82 4.39 13.18
CA SER A 145 -16.59 4.44 14.43
C SER A 145 -16.10 3.40 15.43
N GLU A 146 -15.94 2.16 14.96
CA GLU A 146 -15.44 1.07 15.80
C GLU A 146 -14.03 1.34 16.31
N MET A 147 -13.23 2.04 15.50
CA MET A 147 -11.86 2.39 15.86
C MET A 147 -11.78 3.59 16.81
N GLY A 148 -12.91 4.27 17.00
CA GLY A 148 -12.98 5.41 17.94
C GLY A 148 -13.14 6.78 17.32
N THR A 149 -13.42 6.83 16.02
CA THR A 149 -13.56 8.09 15.29
C THR A 149 -14.96 8.21 14.70
N GLU A 150 -15.73 9.15 15.22
CA GLU A 150 -17.09 9.38 14.76
C GLU A 150 -17.09 10.42 13.64
N ILE A 151 -17.56 10.01 12.47
CA ILE A 151 -17.71 10.92 11.34
C ILE A 151 -19.21 11.15 11.10
N ALA A 152 -19.62 12.41 11.25
CA ALA A 152 -21.02 12.82 11.05
C ALA A 152 -21.51 12.57 9.62
N SER A 153 -22.83 12.44 9.48
CA SER A 153 -23.47 12.17 8.20
C SER A 153 -23.30 13.29 7.18
N ASP A 154 -23.07 14.52 7.64
CA ASP A 154 -22.85 15.67 6.75
C ASP A 154 -21.44 15.73 6.17
N ILE A 155 -20.61 14.74 6.53
CA ILE A 155 -19.25 14.66 6.02
C ILE A 155 -19.12 13.48 5.07
N GLU A 156 -18.68 13.77 3.85
CA GLU A 156 -18.37 12.75 2.87
C GLU A 156 -17.09 12.02 3.30
N ILE A 157 -17.13 10.70 3.35
CA ILE A 157 -15.92 9.93 3.56
C ILE A 157 -15.41 9.49 2.20
N ARG A 158 -14.12 9.70 1.96
CA ARG A 158 -13.48 9.30 0.71
C ARG A 158 -12.31 8.38 1.03
N VAL A 159 -12.38 7.17 0.49
CA VAL A 159 -11.35 6.17 0.70
C VAL A 159 -10.43 6.12 -0.50
N TYR A 160 -9.13 6.29 -0.26
CA TYR A 160 -8.13 6.15 -1.32
C TYR A 160 -7.52 4.77 -1.21
N ASP A 161 -7.72 3.95 -2.25
CA ASP A 161 -7.14 2.62 -2.30
C ASP A 161 -5.82 2.71 -3.07
N THR A 162 -4.74 2.32 -2.39
CA THR A 162 -3.38 2.50 -2.90
C THR A 162 -3.02 1.35 -3.85
N THR A 163 -3.55 1.45 -5.06
CA THR A 163 -3.48 0.35 -6.03
C THR A 163 -2.34 0.47 -7.03
N ALA A 164 -1.64 1.60 -7.07
CA ALA A 164 -0.51 1.75 -7.99
C ALA A 164 0.68 2.37 -7.27
N GLU A 165 1.30 3.40 -7.87
CA GLU A 165 2.52 3.98 -7.32
C GLU A 165 2.33 5.29 -6.55
N THR A 166 1.16 5.92 -6.66
CA THR A 166 0.88 7.07 -5.78
C THR A 166 0.95 6.59 -4.34
N ARG A 167 1.61 7.37 -3.49
CA ARG A 167 1.68 7.09 -2.07
C ARG A 167 1.07 8.29 -1.36
N TYR A 168 0.09 8.03 -0.50
CA TYR A 168 -0.75 9.08 0.05
C TYR A 168 -0.45 9.44 1.50
N MET A 169 -0.73 10.69 1.84
CA MET A 169 -0.85 11.11 3.23
C MET A 169 -2.09 11.98 3.34
N VAL A 170 -2.76 11.91 4.47
CA VAL A 170 -3.88 12.78 4.75
C VAL A 170 -3.39 14.05 5.43
N LEU A 171 -3.84 15.19 4.91
CA LEU A 171 -3.71 16.47 5.59
C LEU A 171 -5.00 16.71 6.38
N PRO A 172 -4.97 16.44 7.68
CA PRO A 172 -6.20 16.53 8.47
C PRO A 172 -6.53 17.99 8.75
N GLN A 173 -7.77 18.24 9.16
CA GLN A 173 -8.16 19.57 9.62
C GLN A 173 -7.41 19.92 10.90
N ARG A 174 -7.11 21.20 11.05
CA ARG A 174 -6.44 21.69 12.25
C ARG A 174 -7.50 21.96 13.30
N PRO A 175 -7.38 21.33 14.50
CA PRO A 175 -8.43 21.52 15.50
C PRO A 175 -8.41 22.90 16.14
N ALA A 176 -9.59 23.39 16.48
CA ALA A 176 -9.70 24.63 17.26
C ALA A 176 -9.01 24.44 18.59
N GLY A 177 -8.46 25.52 19.15
CA GLY A 177 -7.73 25.44 20.41
C GLY A 177 -6.22 25.33 20.21
N THR A 178 -5.79 25.27 18.95
CA THR A 178 -4.36 25.23 18.60
C THR A 178 -3.85 26.54 17.99
N GLU A 179 -4.68 27.59 18.06
CA GLU A 179 -4.32 28.87 17.44
C GLU A 179 -3.03 29.39 18.04
N GLY A 180 -2.08 29.72 17.18
CA GLY A 180 -0.80 30.27 17.62
C GLY A 180 0.25 29.26 18.08
N TRP A 181 -0.09 27.98 18.10
CA TRP A 181 0.88 26.95 18.50
C TRP A 181 2.10 26.93 17.59
N SER A 182 3.24 26.54 18.14
CA SER A 182 4.45 26.39 17.34
C SER A 182 4.33 25.15 16.48
N GLN A 183 5.22 25.03 15.49
CA GLN A 183 5.22 23.82 14.64
C GLN A 183 5.51 22.57 15.48
N GLU A 184 6.43 22.69 16.44
CA GLU A 184 6.75 21.59 17.34
C GLU A 184 5.53 21.14 18.15
N GLN A 185 4.77 22.11 18.63
CA GLN A 185 3.55 21.82 19.39
C GLN A 185 2.49 21.15 18.53
N LEU A 186 2.33 21.64 17.31
CA LEU A 186 1.37 21.07 16.36
C LEU A 186 1.78 19.66 15.94
N GLN A 187 3.07 19.44 15.73
CA GLN A 187 3.57 18.13 15.30
C GLN A 187 3.15 17.04 16.27
N GLU A 188 3.15 17.38 17.55
CA GLU A 188 2.86 16.41 18.61
C GLU A 188 1.48 15.79 18.49
N ILE A 189 0.51 16.53 17.95
CA ILE A 189 -0.88 16.06 17.87
C ILE A 189 -1.22 15.37 16.55
N VAL A 190 -0.29 15.40 15.61
CA VAL A 190 -0.47 14.70 14.34
C VAL A 190 0.16 13.31 14.45
N THR A 191 -0.69 12.31 14.62
CA THR A 191 -0.23 10.95 14.87
C THR A 191 -0.22 10.15 13.57
N LYS A 192 0.40 8.96 13.63
CA LYS A 192 0.39 8.02 12.51
C LYS A 192 -1.04 7.82 11.99
N ASP A 193 -1.98 7.62 12.92
CA ASP A 193 -3.38 7.38 12.53
C ASP A 193 -4.05 8.57 11.89
N CYS A 194 -3.61 9.78 12.24
CA CYS A 194 -4.09 11.00 11.57
C CYS A 194 -3.61 11.03 10.12
N LEU A 195 -2.37 10.56 9.90
CA LEU A 195 -1.79 10.56 8.56
C LEU A 195 -2.44 9.53 7.64
N ILE A 196 -2.83 8.40 8.22
CA ILE A 196 -3.52 7.34 7.48
C ILE A 196 -4.97 7.78 7.22
N GLY A 197 -5.54 8.53 8.17
CA GLY A 197 -6.87 9.10 8.01
C GLY A 197 -7.93 8.52 8.93
N VAL A 198 -7.55 7.57 9.78
CA VAL A 198 -8.53 6.92 10.66
C VAL A 198 -8.78 7.70 11.94
N ALA A 199 -7.89 8.66 12.24
CA ALA A 199 -8.00 9.50 13.44
C ALA A 199 -8.03 10.98 13.04
N ILE A 200 -8.67 11.78 13.90
CA ILE A 200 -8.67 13.24 13.78
C ILE A 200 -7.75 13.77 14.89
N PRO A 201 -6.86 14.73 14.57
CA PRO A 201 -5.97 15.30 15.59
C PRO A 201 -6.76 15.85 16.77
N GLN A 202 -6.27 15.56 17.97
CA GLN A 202 -6.92 15.92 19.24
C GLN A 202 -6.07 16.93 20.00
N VAL A 203 -6.73 17.93 20.58
CA VAL A 203 -6.05 18.87 21.46
C VAL A 203 -5.96 18.23 22.86
N PRO A 204 -4.73 18.08 23.39
CA PRO A 204 -4.53 17.49 24.73
C PRO A 204 -5.19 18.34 25.79
N THR A 205 -5.71 17.70 26.84
CA THR A 205 -6.54 18.36 27.86
C THR A 205 -5.88 19.60 28.47
N MET B 1 -5.63 -11.18 -11.34
CA MET B 1 -5.92 -12.54 -10.78
C MET B 1 -7.00 -12.42 -9.72
N ASP B 2 -8.11 -13.13 -9.92
CA ASP B 2 -9.23 -13.08 -8.99
C ASP B 2 -8.96 -13.97 -7.77
N GLY B 3 -7.90 -13.66 -7.05
CA GLY B 3 -7.52 -14.47 -5.89
C GLY B 3 -8.17 -14.00 -4.61
N VAL B 4 -7.94 -14.76 -3.54
CA VAL B 4 -8.46 -14.39 -2.22
C VAL B 4 -7.82 -13.11 -1.67
N HIS B 5 -6.70 -12.68 -2.25
CA HIS B 5 -6.08 -11.41 -1.82
C HIS B 5 -6.94 -10.19 -2.20
N ASP B 6 -7.88 -10.36 -3.14
CA ASP B 6 -8.69 -9.24 -3.61
C ASP B 6 -9.85 -9.09 -2.64
N LEU B 7 -9.55 -8.49 -1.50
CA LEU B 7 -10.43 -8.53 -0.33
C LEU B 7 -11.45 -7.39 -0.22
N ALA B 8 -11.20 -6.27 -0.90
CA ALA B 8 -12.07 -5.10 -0.74
C ALA B 8 -13.52 -5.51 -1.05
N GLY B 9 -14.41 -5.19 -0.12
CA GLY B 9 -15.83 -5.45 -0.30
C GLY B 9 -16.31 -6.80 0.21
N VAL B 10 -15.36 -7.67 0.59
CA VAL B 10 -15.72 -8.97 1.17
C VAL B 10 -16.40 -8.74 2.51
N GLN B 11 -17.48 -9.49 2.76
CA GLN B 11 -18.29 -9.33 3.96
C GLN B 11 -18.12 -10.52 4.88
N GLY B 12 -18.24 -10.28 6.20
CA GLY B 12 -18.11 -11.30 7.23
C GLY B 12 -16.93 -11.15 8.16
N PHE B 13 -15.99 -10.26 7.84
CA PHE B 13 -14.90 -9.98 8.78
C PHE B 13 -15.38 -9.22 10.01
N GLY B 14 -14.70 -9.45 11.12
CA GLY B 14 -14.99 -8.76 12.37
C GLY B 14 -14.27 -7.44 12.49
N LYS B 15 -14.08 -7.00 13.74
CA LYS B 15 -13.51 -5.70 14.03
C LYS B 15 -12.05 -5.61 13.60
N VAL B 16 -11.68 -4.43 13.10
CA VAL B 16 -10.26 -4.11 12.87
C VAL B 16 -9.57 -4.14 14.24
N PRO B 17 -8.44 -4.87 14.34
CA PRO B 17 -7.76 -5.02 15.64
C PRO B 17 -6.98 -3.77 16.06
N HIS B 18 -7.70 -2.67 16.29
CA HIS B 18 -7.08 -1.39 16.64
C HIS B 18 -8.13 -0.40 17.09
N THR B 19 -7.75 0.46 18.02
CA THR B 19 -8.49 1.69 18.27
C THR B 19 -7.48 2.82 18.10
N VAL B 20 -7.97 3.98 17.66
CA VAL B 20 -7.06 5.03 17.23
C VAL B 20 -6.04 5.44 18.30
N ASN B 21 -4.80 5.60 17.84
CA ASN B 21 -3.68 6.04 18.68
C ASN B 21 -3.25 5.03 19.74
N ALA B 22 -3.78 3.80 19.67
CA ALA B 22 -3.31 2.73 20.54
C ALA B 22 -1.86 2.40 20.20
N ASP B 23 -1.12 1.93 21.19
CA ASP B 23 0.27 1.52 21.01
C ASP B 23 0.30 0.36 20.02
N ILE B 24 1.07 0.51 18.95
CA ILE B 24 1.21 -0.57 17.97
C ILE B 24 2.47 -1.41 18.21
N GLY B 25 3.22 -1.05 19.24
CA GLY B 25 4.45 -1.75 19.58
C GLY B 25 5.59 -1.36 18.66
N PRO B 26 6.70 -2.10 18.72
CA PRO B 26 7.85 -1.79 17.87
C PRO B 26 7.53 -2.10 16.40
N THR B 27 8.33 -1.55 15.51
CA THR B 27 8.18 -1.80 14.07
C THR B 27 8.21 -3.31 13.80
N PHE B 28 9.18 -4.00 14.38
CA PHE B 28 9.30 -5.45 14.22
C PHE B 28 9.07 -6.16 15.54
N HIS B 29 8.15 -7.12 15.55
CA HIS B 29 7.76 -7.81 16.77
C HIS B 29 8.56 -9.10 16.99
N ALA B 30 9.33 -9.48 15.97
CA ALA B 30 10.24 -10.61 16.06
C ALA B 30 11.54 -10.29 15.31
N GLU B 31 12.62 -10.99 15.67
CA GLU B 31 13.96 -10.66 15.18
C GLU B 31 14.18 -10.95 13.69
N TRP B 32 13.26 -11.70 13.08
CA TRP B 32 13.39 -12.05 11.66
C TRP B 32 12.56 -11.11 10.76
N GLU B 33 11.67 -10.31 11.35
CA GLU B 33 10.64 -9.63 10.54
C GLU B 33 11.13 -8.60 9.53
N HIS B 34 12.34 -8.09 9.71
CA HIS B 34 12.94 -7.15 8.75
C HIS B 34 13.50 -7.87 7.52
N LEU B 35 13.62 -9.19 7.60
CA LEU B 35 14.23 -9.97 6.51
C LEU B 35 13.46 -9.99 5.18
N PRO B 36 12.13 -10.28 5.21
CA PRO B 36 11.42 -10.27 3.92
C PRO B 36 11.61 -9.00 3.10
N TYR B 37 11.41 -7.82 3.68
CA TYR B 37 11.58 -6.57 2.92
C TYR B 37 13.05 -6.37 2.50
N SER B 38 13.97 -6.63 3.42
CA SER B 38 15.40 -6.41 3.11
C SER B 38 15.85 -7.30 1.97
N LEU B 39 15.46 -8.58 2.03
CA LEU B 39 15.84 -9.53 0.99
C LEU B 39 15.07 -9.31 -0.31
N MET B 40 13.84 -8.79 -0.23
CA MET B 40 13.15 -8.23 -1.44
C MET B 40 14.06 -7.26 -2.23
N PHE B 41 14.47 -6.28 -1.45
CA PHE B 41 15.32 -5.18 -1.96
C PHE B 41 16.65 -5.73 -2.49
N ALA B 42 17.22 -6.73 -1.81
CA ALA B 42 18.42 -7.37 -2.35
C ALA B 42 18.11 -7.97 -3.73
N GLY B 43 16.99 -8.67 -3.85
CA GLY B 43 16.55 -9.24 -5.12
C GLY B 43 16.28 -8.20 -6.19
N VAL B 44 15.60 -7.12 -5.82
CA VAL B 44 15.19 -6.10 -6.78
C VAL B 44 16.36 -5.19 -7.18
N ALA B 45 17.01 -4.60 -6.19
CA ALA B 45 17.97 -3.53 -6.40
C ALA B 45 19.41 -4.01 -6.55
N GLU B 46 19.77 -5.09 -5.87
CA GLU B 46 21.16 -5.58 -5.90
C GLU B 46 21.35 -6.61 -6.99
N LEU B 47 20.47 -7.61 -7.05
CA LEU B 47 20.58 -8.70 -8.02
C LEU B 47 19.86 -8.44 -9.34
N GLY B 48 18.84 -7.59 -9.30
CA GLY B 48 17.97 -7.38 -10.45
C GLY B 48 17.28 -8.66 -10.92
N ALA B 49 16.94 -9.52 -9.96
CA ALA B 49 16.38 -10.85 -10.25
C ALA B 49 14.87 -10.78 -10.50
N PHE B 50 14.24 -9.79 -9.89
CA PHE B 50 12.80 -9.60 -10.07
C PHE B 50 12.39 -8.18 -9.73
N SER B 51 11.16 -7.83 -10.10
CA SER B 51 10.58 -6.54 -9.79
C SER B 51 9.75 -6.60 -8.52
N VAL B 52 9.42 -5.42 -8.00
CA VAL B 52 8.52 -5.35 -6.84
C VAL B 52 7.16 -5.96 -7.25
N ASP B 53 6.73 -5.70 -8.48
CA ASP B 53 5.46 -6.24 -8.98
C ASP B 53 5.45 -7.77 -8.93
N GLU B 54 6.58 -8.39 -9.25
CA GLU B 54 6.70 -9.85 -9.14
C GLU B 54 6.54 -10.35 -7.70
N VAL B 55 6.96 -9.53 -6.74
CA VAL B 55 6.76 -9.86 -5.33
C VAL B 55 5.28 -9.81 -4.97
N ARG B 56 4.57 -8.79 -5.44
CA ARG B 56 3.12 -8.75 -5.19
C ARG B 56 2.47 -9.99 -5.77
N TYR B 57 2.82 -10.31 -7.03
CA TYR B 57 2.19 -11.43 -7.71
C TYR B 57 2.51 -12.79 -7.07
N VAL B 58 3.76 -12.99 -6.67
CA VAL B 58 4.10 -14.28 -6.05
C VAL B 58 3.33 -14.50 -4.75
N VAL B 59 3.09 -13.42 -4.00
CA VAL B 59 2.25 -13.48 -2.79
C VAL B 59 0.79 -13.81 -3.18
N GLU B 60 0.27 -13.17 -4.23
CA GLU B 60 -1.07 -13.51 -4.75
C GLU B 60 -1.17 -14.99 -5.12
N ARG B 61 -0.02 -15.60 -5.44
CA ARG B 61 0.03 -16.98 -5.92
C ARG B 61 0.14 -18.01 -4.80
N MET B 62 0.21 -17.57 -3.53
CA MET B 62 0.10 -18.51 -2.42
C MET B 62 -1.20 -19.30 -2.58
N GLU B 63 -1.14 -20.60 -2.27
CA GLU B 63 -2.37 -21.40 -2.26
C GLU B 63 -3.38 -20.66 -1.36
N PRO B 64 -4.67 -20.57 -1.78
CA PRO B 64 -5.59 -19.68 -1.08
C PRO B 64 -5.73 -19.92 0.42
N ARG B 65 -5.82 -21.17 0.86
CA ARG B 65 -5.90 -21.43 2.30
C ARG B 65 -4.59 -21.02 3.00
N HIS B 66 -3.47 -21.28 2.35
CA HIS B 66 -2.15 -20.89 2.86
C HIS B 66 -2.10 -19.36 3.03
N TYR B 67 -2.55 -18.62 2.02
CA TYR B 67 -2.61 -17.16 2.11
C TYR B 67 -3.43 -16.72 3.32
N MET B 68 -4.61 -17.32 3.48
CA MET B 68 -5.54 -16.87 4.53
C MET B 68 -5.08 -17.15 5.95
N MET B 69 -4.20 -18.13 6.16
CA MET B 69 -3.75 -18.40 7.54
C MET B 69 -2.33 -17.94 7.85
N THR B 70 -1.70 -17.26 6.91
CA THR B 70 -0.32 -16.82 7.07
C THR B 70 -0.25 -15.32 7.42
N PRO B 71 0.41 -14.98 8.55
CA PRO B 71 0.65 -13.57 8.91
C PRO B 71 1.40 -12.80 7.82
N TYR B 72 1.20 -11.49 7.81
CA TYR B 72 1.74 -10.63 6.75
C TYR B 72 3.21 -10.87 6.42
N TYR B 73 4.11 -10.69 7.39
CA TYR B 73 5.54 -10.74 7.05
C TYR B 73 5.95 -12.14 6.57
N GLU B 74 5.30 -13.16 7.09
CA GLU B 74 5.56 -14.54 6.65
C GLU B 74 5.19 -14.73 5.18
N ARG B 75 4.12 -14.08 4.71
CA ARG B 75 3.75 -14.19 3.29
C ARG B 75 4.91 -13.74 2.40
N TYR B 76 5.63 -12.71 2.84
CA TYR B 76 6.73 -12.15 2.05
C TYR B 76 8.01 -12.99 2.16
N VAL B 77 8.20 -13.67 3.30
CA VAL B 77 9.26 -14.68 3.39
C VAL B 77 9.02 -15.79 2.35
N ILE B 78 7.78 -16.29 2.30
CA ILE B 78 7.40 -17.32 1.34
C ILE B 78 7.50 -16.81 -0.08
N GLY B 79 7.04 -15.58 -0.31
CA GLY B 79 7.04 -15.01 -1.66
C GLY B 79 8.44 -14.81 -2.21
N VAL B 80 9.30 -14.16 -1.43
CA VAL B 80 10.67 -13.90 -1.86
C VAL B 80 11.41 -15.23 -2.07
N ALA B 81 11.22 -16.17 -1.15
CA ALA B 81 11.85 -17.49 -1.31
C ALA B 81 11.38 -18.16 -2.61
N THR B 82 10.08 -18.07 -2.89
CA THR B 82 9.55 -18.68 -4.11
C THR B 82 10.22 -18.08 -5.35
N LEU B 83 10.29 -16.75 -5.40
CA LEU B 83 10.94 -16.09 -6.53
C LEU B 83 12.39 -16.51 -6.70
N MET B 84 13.12 -16.61 -5.60
CA MET B 84 14.52 -17.03 -5.67
C MET B 84 14.64 -18.44 -6.26
N VAL B 85 13.68 -19.31 -5.95
CA VAL B 85 13.68 -20.67 -6.51
C VAL B 85 13.28 -20.63 -7.99
N GLU B 86 12.21 -19.89 -8.30
CA GLU B 86 11.73 -19.79 -9.69
C GLU B 86 12.78 -19.21 -10.64
N LYS B 87 13.57 -18.26 -10.13
CA LYS B 87 14.59 -17.59 -10.93
C LYS B 87 15.91 -18.40 -11.02
N GLY B 88 15.94 -19.54 -10.33
CA GLY B 88 17.12 -20.43 -10.37
C GLY B 88 18.27 -20.01 -9.47
N ILE B 89 18.01 -19.10 -8.53
CA ILE B 89 19.05 -18.61 -7.61
C ILE B 89 19.23 -19.54 -6.41
N LEU B 90 18.12 -20.05 -5.90
CA LEU B 90 18.12 -21.02 -4.80
C LEU B 90 17.33 -22.25 -5.21
N THR B 91 17.52 -23.32 -4.45
CA THR B 91 16.67 -24.51 -4.58
C THR B 91 15.80 -24.64 -3.34
N GLN B 92 14.66 -25.31 -3.50
CA GLN B 92 13.81 -25.59 -2.34
C GLN B 92 14.51 -26.54 -1.37
N ASP B 93 15.28 -27.49 -1.91
CA ASP B 93 16.07 -28.41 -1.08
C ASP B 93 16.98 -27.68 -0.10
N GLU B 94 17.71 -26.68 -0.58
CA GLU B 94 18.64 -25.99 0.31
C GLU B 94 17.90 -25.14 1.34
N LEU B 95 16.78 -24.55 0.94
CA LEU B 95 15.94 -23.80 1.88
C LEU B 95 15.42 -24.71 2.99
N GLU B 96 14.93 -25.88 2.61
CA GLU B 96 14.41 -26.84 3.60
C GLU B 96 15.50 -27.45 4.48
N SER B 97 16.67 -27.68 3.89
CA SER B 97 17.83 -28.15 4.65
C SER B 97 18.23 -27.13 5.73
N LEU B 98 18.32 -25.86 5.33
CA LEU B 98 18.69 -24.80 6.25
C LEU B 98 17.60 -24.53 7.28
N ALA B 99 16.34 -24.62 6.84
CA ALA B 99 15.21 -24.38 7.74
C ALA B 99 14.97 -25.53 8.71
N GLY B 100 15.48 -26.70 8.37
CA GLY B 100 15.30 -27.90 9.21
C GLY B 100 13.89 -28.47 9.14
N GLY B 101 13.20 -28.22 8.03
CA GLY B 101 11.84 -28.73 7.87
C GLY B 101 11.17 -28.16 6.63
N PRO B 102 9.86 -28.41 6.49
CA PRO B 102 9.14 -27.99 5.28
C PRO B 102 9.07 -26.48 5.08
N PHE B 103 9.24 -26.08 3.81
CA PHE B 103 9.21 -24.69 3.40
C PHE B 103 8.38 -24.65 2.11
N PRO B 104 7.06 -24.91 2.22
CA PRO B 104 6.21 -24.85 1.03
C PRO B 104 6.17 -23.44 0.45
N LEU B 105 6.05 -23.37 -0.86
CA LEU B 105 6.19 -22.12 -1.60
C LEU B 105 4.88 -21.73 -2.26
N SER B 106 4.85 -20.56 -2.89
CA SER B 106 3.68 -20.17 -3.68
C SER B 106 3.52 -21.11 -4.88
N ARG B 107 2.29 -21.21 -5.38
CA ARG B 107 2.00 -22.06 -6.53
C ARG B 107 2.54 -21.45 -7.82
N PRO B 108 2.93 -22.30 -8.79
CA PRO B 108 3.38 -21.79 -10.08
C PRO B 108 2.34 -20.90 -10.73
N SER B 109 2.80 -19.93 -11.51
CA SER B 109 1.91 -19.05 -12.24
C SER B 109 1.16 -19.81 -13.31
N GLU B 110 -0.10 -19.45 -13.47
CA GLU B 110 -0.94 -20.04 -14.51
C GLU B 110 -1.21 -19.09 -15.67
N SER B 111 -0.47 -17.98 -15.68
CA SER B 111 -0.54 -17.01 -16.76
C SER B 111 0.84 -16.48 -17.08
N GLU B 112 1.11 -16.26 -18.37
CA GLU B 112 2.36 -15.65 -18.80
C GLU B 112 2.30 -14.13 -18.69
N GLY B 113 1.18 -13.61 -18.19
CA GLY B 113 0.97 -12.17 -18.12
C GLY B 113 0.51 -11.61 -19.46
N ARG B 114 0.51 -10.29 -19.58
CA ARG B 114 0.12 -9.64 -20.84
C ARG B 114 0.90 -8.34 -21.02
N PRO B 115 1.12 -7.94 -22.28
CA PRO B 115 1.89 -6.71 -22.50
C PRO B 115 1.09 -5.46 -22.16
N ALA B 116 1.79 -4.33 -22.01
CA ALA B 116 1.14 -3.03 -21.95
C ALA B 116 0.31 -2.87 -23.21
N PRO B 117 -0.97 -2.45 -23.08
CA PRO B 117 -1.81 -2.30 -24.25
C PRO B 117 -1.21 -1.27 -25.20
N VAL B 118 -1.29 -1.54 -26.50
CA VAL B 118 -0.79 -0.59 -27.50
C VAL B 118 -1.77 0.57 -27.67
N GLU B 119 -3.07 0.29 -27.47
CA GLU B 119 -4.12 1.29 -27.65
C GLU B 119 -4.74 1.73 -26.33
N THR B 120 -4.38 2.94 -25.93
CA THR B 120 -4.91 3.55 -24.71
C THR B 120 -5.27 5.02 -24.99
N THR B 121 -5.92 5.66 -24.04
CA THR B 121 -6.32 7.06 -24.18
C THR B 121 -5.69 7.90 -23.08
N THR B 122 -5.16 9.08 -23.43
CA THR B 122 -4.77 10.06 -22.44
C THR B 122 -6.03 10.75 -21.96
N PHE B 123 -6.34 10.58 -20.68
CA PHE B 123 -7.52 11.19 -20.08
C PHE B 123 -7.17 12.46 -19.35
N GLU B 124 -8.17 13.29 -19.10
CA GLU B 124 -7.97 14.58 -18.42
C GLU B 124 -8.80 14.64 -17.15
N VAL B 125 -8.36 15.46 -16.19
CA VAL B 125 -9.11 15.68 -14.98
C VAL B 125 -10.55 16.11 -15.32
N GLY B 126 -11.51 15.46 -14.67
CA GLY B 126 -12.92 15.77 -14.85
C GLY B 126 -13.63 14.86 -15.83
N GLN B 127 -12.86 14.12 -16.63
CA GLN B 127 -13.43 13.20 -17.62
C GLN B 127 -14.01 11.95 -16.95
N ARG B 128 -15.13 11.47 -17.49
CA ARG B 128 -15.74 10.23 -17.02
C ARG B 128 -15.11 9.04 -17.75
N VAL B 129 -14.74 8.02 -16.98
CA VAL B 129 -14.09 6.84 -17.51
C VAL B 129 -14.75 5.58 -16.99
N ARG B 130 -14.65 4.50 -17.77
CA ARG B 130 -15.08 3.18 -17.33
C ARG B 130 -13.85 2.28 -17.18
N VAL B 131 -13.82 1.49 -16.12
CA VAL B 131 -12.80 0.47 -15.98
C VAL B 131 -13.14 -0.67 -16.93
N ARG B 132 -12.20 -0.99 -17.81
CA ARG B 132 -12.39 -2.05 -18.81
C ARG B 132 -12.95 -3.30 -18.15
N ASP B 133 -14.02 -3.84 -18.74
CA ASP B 133 -14.66 -5.05 -18.23
C ASP B 133 -13.90 -6.28 -18.72
N GLU B 134 -12.70 -6.49 -18.15
CA GLU B 134 -11.77 -7.51 -18.59
C GLU B 134 -11.38 -8.42 -17.43
N TYR B 135 -11.03 -9.66 -17.77
CA TYR B 135 -10.61 -10.65 -16.78
C TYR B 135 -9.18 -11.08 -17.10
N VAL B 136 -8.30 -10.87 -16.13
CA VAL B 136 -6.87 -11.10 -16.29
C VAL B 136 -6.41 -12.14 -15.25
N PRO B 137 -5.98 -13.33 -15.72
CA PRO B 137 -5.61 -14.40 -14.77
C PRO B 137 -4.30 -14.15 -14.04
N GLY B 138 -3.38 -13.40 -14.66
CA GLY B 138 -2.13 -13.03 -14.01
C GLY B 138 -2.28 -11.76 -13.18
N HIS B 139 -1.15 -11.15 -12.89
CA HIS B 139 -1.11 -9.98 -12.02
C HIS B 139 -1.87 -8.81 -12.66
N ILE B 140 -2.65 -8.10 -11.85
CA ILE B 140 -3.33 -6.90 -12.28
C ILE B 140 -3.57 -6.00 -11.07
N ARG B 141 -3.39 -4.69 -11.24
CA ARG B 141 -3.62 -3.74 -10.14
C ARG B 141 -4.99 -3.07 -10.19
N MET B 142 -5.97 -3.89 -10.50
CA MET B 142 -7.35 -3.47 -10.56
C MET B 142 -8.12 -4.37 -9.61
N PRO B 143 -8.57 -3.83 -8.47
CA PRO B 143 -9.39 -4.65 -7.57
C PRO B 143 -10.77 -4.85 -8.20
N ALA B 144 -11.34 -6.05 -8.04
CA ALA B 144 -12.54 -6.41 -8.77
C ALA B 144 -13.74 -5.51 -8.53
N TYR B 145 -13.79 -4.86 -7.36
CA TYR B 145 -14.93 -3.99 -7.04
C TYR B 145 -15.12 -2.85 -8.05
N CYS B 146 -14.07 -2.50 -8.79
CA CYS B 146 -14.19 -1.40 -9.76
C CYS B 146 -14.30 -1.88 -11.22
N ARG B 147 -14.19 -3.19 -11.45
CA ARG B 147 -14.28 -3.71 -12.81
C ARG B 147 -15.60 -3.29 -13.47
N GLY B 148 -15.50 -2.68 -14.65
CA GLY B 148 -16.68 -2.29 -15.43
C GLY B 148 -17.45 -1.11 -14.87
N ARG B 149 -16.92 -0.46 -13.83
CA ARG B 149 -17.60 0.63 -13.14
C ARG B 149 -17.15 1.99 -13.70
N VAL B 150 -17.97 3.01 -13.45
CA VAL B 150 -17.73 4.34 -14.02
C VAL B 150 -17.41 5.35 -12.94
N GLY B 151 -16.39 6.17 -13.20
CA GLY B 151 -15.98 7.21 -12.26
C GLY B 151 -15.39 8.40 -12.98
N THR B 152 -14.91 9.37 -12.21
CA THR B 152 -14.39 10.62 -12.76
C THR B 152 -12.92 10.78 -12.40
N ILE B 153 -12.11 11.19 -13.38
CA ILE B 153 -10.68 11.43 -13.17
C ILE B 153 -10.42 12.63 -12.27
N SER B 154 -9.69 12.42 -11.17
CA SER B 154 -9.33 13.56 -10.32
C SER B 154 -7.83 13.92 -10.40
N HIS B 155 -7.05 13.07 -11.06
CA HIS B 155 -5.60 13.26 -11.19
C HIS B 155 -5.05 12.36 -12.28
N ARG B 156 -4.18 12.91 -13.14
CA ARG B 156 -3.33 12.12 -14.01
C ARG B 156 -1.89 12.29 -13.52
N THR B 157 -1.22 11.18 -13.21
CA THR B 157 0.14 11.27 -12.68
C THR B 157 1.08 11.97 -13.66
N THR B 158 2.03 12.72 -13.10
CA THR B 158 3.06 13.39 -13.89
C THR B 158 4.29 12.50 -14.11
N GLU B 159 4.20 11.25 -13.64
CA GLU B 159 5.21 10.25 -13.93
C GLU B 159 4.54 9.03 -14.55
N LYS B 160 5.37 8.13 -15.09
CA LYS B 160 4.89 6.91 -15.73
C LYS B 160 5.63 5.69 -15.19
N TRP B 161 4.94 4.56 -15.17
CA TRP B 161 5.52 3.33 -14.64
C TRP B 161 5.19 2.13 -15.52
N PRO B 162 5.98 1.05 -15.41
CA PRO B 162 5.68 -0.17 -16.17
C PRO B 162 4.31 -0.77 -15.80
N PHE B 163 3.61 -1.25 -16.81
CA PHE B 163 2.31 -1.92 -16.63
C PHE B 163 2.47 -3.17 -15.77
N PRO B 164 1.78 -3.21 -14.62
CA PRO B 164 1.96 -4.33 -13.68
C PRO B 164 1.70 -5.70 -14.30
N ASP B 165 0.74 -5.78 -15.20
CA ASP B 165 0.33 -7.07 -15.76
C ASP B 165 1.44 -7.70 -16.59
N ALA B 166 2.42 -6.88 -16.97
CA ALA B 166 3.60 -7.35 -17.69
C ALA B 166 4.82 -7.50 -16.76
N ILE B 167 5.16 -6.42 -16.06
CA ILE B 167 6.35 -6.46 -15.20
C ILE B 167 6.19 -7.39 -13.99
N GLY B 168 4.95 -7.60 -13.54
CA GLY B 168 4.64 -8.58 -12.50
C GLY B 168 4.90 -10.02 -12.89
N HIS B 169 5.19 -10.24 -14.17
CA HIS B 169 5.56 -11.56 -14.68
C HIS B 169 6.99 -11.55 -15.24
N GLY B 170 7.72 -10.46 -15.00
CA GLY B 170 9.09 -10.29 -15.50
C GLY B 170 9.19 -10.16 -17.02
N ARG B 171 8.10 -9.74 -17.67
CA ARG B 171 8.07 -9.60 -19.13
C ARG B 171 8.88 -8.38 -19.61
N ASN B 172 9.31 -8.42 -20.87
CA ASN B 172 10.05 -7.31 -21.48
C ASN B 172 9.17 -6.22 -22.10
N ASP B 173 7.85 -6.38 -22.03
CA ASP B 173 6.94 -5.50 -22.77
C ASP B 173 5.98 -4.70 -21.89
N ALA B 174 6.45 -4.30 -20.72
CA ALA B 174 5.64 -3.53 -19.78
C ALA B 174 5.52 -2.04 -20.14
N GLY B 175 6.42 -1.56 -20.99
CA GLY B 175 6.40 -0.15 -21.38
C GLY B 175 6.37 0.80 -20.20
N GLU B 176 5.63 1.89 -20.38
CA GLU B 176 5.32 2.81 -19.27
C GLU B 176 4.03 3.55 -19.53
N GLU B 177 3.25 3.73 -18.48
CA GLU B 177 1.96 4.40 -18.55
C GLU B 177 1.82 5.28 -17.32
N PRO B 178 1.08 6.40 -17.43
CA PRO B 178 0.68 7.10 -16.21
C PRO B 178 -0.46 6.35 -15.54
N THR B 179 -0.76 6.72 -14.31
CA THR B 179 -1.98 6.21 -13.67
C THR B 179 -2.93 7.37 -13.42
N TYR B 180 -4.17 7.03 -13.10
CA TYR B 180 -5.24 8.00 -12.90
C TYR B 180 -5.95 7.74 -11.60
N HIS B 181 -6.15 8.79 -10.83
CA HIS B 181 -7.01 8.71 -9.65
C HIS B 181 -8.42 8.79 -10.16
N VAL B 182 -9.14 7.67 -10.06
CA VAL B 182 -10.51 7.60 -10.52
C VAL B 182 -11.45 7.58 -9.31
N LYS B 183 -12.28 8.60 -9.20
CA LYS B 183 -13.22 8.71 -8.09
C LYS B 183 -14.55 8.06 -8.47
N PHE B 184 -14.97 7.06 -7.68
CA PHE B 184 -16.25 6.39 -7.85
C PHE B 184 -17.16 6.77 -6.70
N ALA B 185 -18.45 7.00 -6.99
CA ALA B 185 -19.44 7.10 -5.92
C ALA B 185 -19.52 5.74 -5.22
N ALA B 186 -19.67 5.74 -3.90
CA ALA B 186 -19.78 4.48 -3.17
C ALA B 186 -20.90 3.60 -3.74
N GLU B 187 -22.02 4.22 -4.10
CA GLU B 187 -23.18 3.49 -4.65
C GLU B 187 -22.93 2.88 -6.03
N GLU B 188 -21.99 3.45 -6.78
CA GLU B 188 -21.58 2.88 -8.05
C GLU B 188 -20.90 1.52 -7.84
N LEU B 189 -20.22 1.38 -6.70
CA LEU B 189 -19.44 0.17 -6.42
C LEU B 189 -20.21 -0.88 -5.62
N PHE B 190 -21.05 -0.44 -4.69
CA PHE B 190 -21.70 -1.35 -3.75
C PHE B 190 -23.20 -1.11 -3.64
N GLY B 191 -23.79 -0.41 -4.60
CA GLY B 191 -25.23 -0.13 -4.56
C GLY B 191 -25.65 0.53 -3.26
N SER B 192 -26.76 0.06 -2.70
CA SER B 192 -27.25 0.57 -1.43
C SER B 192 -26.48 0.03 -0.21
N ASP B 193 -25.58 -0.93 -0.43
CA ASP B 193 -24.94 -1.66 0.66
C ASP B 193 -23.53 -1.13 0.98
N THR B 194 -23.49 0.13 1.38
CA THR B 194 -22.25 0.83 1.74
C THR B 194 -22.64 2.02 2.59
N ASP B 195 -21.77 2.42 3.52
CA ASP B 195 -22.02 3.62 4.32
C ASP B 195 -21.09 4.79 3.95
N GLY B 196 -20.33 4.61 2.86
CA GLY B 196 -19.30 5.56 2.46
C GLY B 196 -19.80 6.63 1.51
N GLY B 197 -18.87 7.43 1.02
CA GLY B 197 -19.18 8.53 0.11
C GLY B 197 -18.60 8.25 -1.25
N SER B 198 -17.27 8.29 -1.32
CA SER B 198 -16.58 7.99 -2.56
C SER B 198 -15.37 7.10 -2.31
N VAL B 199 -14.91 6.44 -3.37
CA VAL B 199 -13.70 5.64 -3.30
C VAL B 199 -12.85 6.06 -4.49
N VAL B 200 -11.57 6.37 -4.24
CA VAL B 200 -10.66 6.73 -5.31
C VAL B 200 -9.65 5.62 -5.50
N VAL B 201 -9.64 5.07 -6.72
CA VAL B 201 -8.75 3.97 -7.11
C VAL B 201 -7.68 4.53 -8.06
N ASP B 202 -6.41 4.14 -7.85
CA ASP B 202 -5.30 4.63 -8.67
C ASP B 202 -5.05 3.64 -9.79
N LEU B 203 -5.56 3.94 -10.98
CA LEU B 203 -5.65 2.96 -12.06
C LEU B 203 -4.76 3.27 -13.25
N PHE B 204 -3.96 2.29 -13.66
CA PHE B 204 -3.18 2.42 -14.89
C PHE B 204 -4.03 2.73 -16.10
N GLU B 205 -3.47 3.55 -17.00
CA GLU B 205 -4.16 3.96 -18.21
C GLU B 205 -4.76 2.79 -18.97
N GLY B 206 -4.01 1.69 -19.03
CA GLY B 206 -4.43 0.49 -19.77
C GLY B 206 -5.64 -0.24 -19.19
N TYR B 207 -6.08 0.16 -18.00
CA TYR B 207 -7.29 -0.40 -17.39
C TYR B 207 -8.55 0.39 -17.72
N LEU B 208 -8.38 1.51 -18.43
CA LEU B 208 -9.47 2.48 -18.58
C LEU B 208 -9.90 2.66 -20.03
N GLU B 209 -11.15 3.12 -20.18
CA GLU B 209 -11.70 3.47 -21.49
C GLU B 209 -12.67 4.63 -21.32
N PRO B 210 -12.92 5.42 -22.38
CA PRO B 210 -13.92 6.48 -22.23
C PRO B 210 -15.29 5.93 -21.83
N ALA B 211 -16.01 6.66 -20.99
CA ALA B 211 -17.35 6.26 -20.55
C ALA B 211 -18.40 6.62 -21.60
N ALA B 212 -19.63 6.14 -21.40
CA ALA B 212 -20.76 6.29 -22.33
C ALA B 212 -20.52 5.55 -23.65
#